data_4GFN
#
_entry.id   4GFN
#
_cell.length_a   54.780
_cell.length_b   58.210
_cell.length_c   66.190
_cell.angle_alpha   90.00
_cell.angle_beta   90.00
_cell.angle_gamma   90.00
#
_symmetry.space_group_name_H-M   'P 21 21 21'
#
loop_
_entity.id
_entity.type
_entity.pdbx_description
1 polymer 'DNA gyrase subunit B'
2 non-polymer (1R,5S,6s)-3-[5-chloro-6-ethyl-2-(pyrimidin-5-ylsulfanyl)-7H-pyrrolo[2,3-d]pyrimidin-4-yl]-3-azabicyclo[3.1.0]hexan-6-amine
3 non-polymer GLYCEROL
4 water water
#
_entity_poly.entity_id   1
_entity_poly.type   'polypeptide(L)'
_entity_poly.pdbx_seq_one_letter_code
;GLEAVRKRPGMYIGSTSGEGLHHLVWEIVDNSIDEALAGFAKSIQVIIEPDDSITVIDDGRGIPVGIQAKTGRPAVETVF
TVLHAGGKFGGGGYKVSGGLHGVGSSVVNALSTSLDVRVYKDGKVYYQEYRRGAVVDDLKVIEETDRHGTTVHFIPDPEI
FTETTVYDFDKLATRVRELAFLNRGLHISIEDRREGQEDKKEYHYEGLEHHHHHH
;
_entity_poly.pdbx_strand_id   A
#
# COMPACT_ATOMS: atom_id res chain seq x y z
N GLY A 1 4.91 -10.32 -18.58
CA GLY A 1 4.12 -9.93 -17.36
C GLY A 1 4.50 -8.57 -16.78
N LEU A 2 4.92 -8.56 -15.51
CA LEU A 2 5.25 -7.30 -14.81
C LEU A 2 6.46 -6.59 -15.38
N GLU A 3 7.30 -7.32 -16.10
CA GLU A 3 8.45 -6.70 -16.74
C GLU A 3 8.00 -5.59 -17.69
N ALA A 4 6.80 -5.75 -18.27
CA ALA A 4 6.22 -4.75 -19.17
C ALA A 4 5.96 -3.42 -18.45
N VAL A 5 5.53 -3.51 -17.19
CA VAL A 5 5.27 -2.33 -16.34
C VAL A 5 6.57 -1.56 -16.05
N ARG A 6 7.63 -2.28 -15.74
CA ARG A 6 8.95 -1.66 -15.52
C ARG A 6 9.52 -0.96 -16.76
N LYS A 7 9.19 -1.47 -17.95
CA LYS A 7 9.71 -0.89 -19.21
C LYS A 7 8.80 0.20 -19.77
N ARG A 8 7.50 0.06 -19.57
CA ARG A 8 6.57 1.14 -19.94
C ARG A 8 5.71 1.66 -18.77
N PRO A 9 6.36 2.21 -17.72
CA PRO A 9 5.61 2.69 -16.53
C PRO A 9 4.59 3.78 -16.88
N GLY A 10 4.91 4.61 -17.87
CA GLY A 10 3.99 5.66 -18.36
C GLY A 10 2.60 5.16 -18.74
N MET A 11 2.52 3.93 -19.23
CA MET A 11 1.23 3.35 -19.63
C MET A 11 0.43 2.84 -18.43
N TYR A 12 1.10 2.70 -17.29
CA TYR A 12 0.46 2.09 -16.13
C TYR A 12 0.15 3.10 -15.05
N ILE A 13 1.02 4.10 -14.91
CA ILE A 13 0.85 5.10 -13.84
C ILE A 13 0.69 6.53 -14.34
N GLY A 14 0.62 6.69 -15.67
CA GLY A 14 0.38 7.99 -16.34
C GLY A 14 1.60 8.88 -16.54
N SER A 15 2.47 8.82 -15.54
CA SER A 15 3.67 9.65 -15.47
C SER A 15 4.73 9.04 -14.54
N THR A 16 5.99 9.18 -14.93
CA THR A 16 7.11 8.82 -14.03
C THR A 16 7.68 10.02 -13.26
N SER A 17 7.00 11.16 -13.34
CA SER A 17 7.39 12.35 -12.59
C SER A 17 6.87 12.23 -11.15
N GLY A 18 7.01 13.31 -10.38
CA GLY A 18 6.39 13.39 -9.05
C GLY A 18 4.94 12.93 -9.00
N GLU A 19 4.17 13.21 -10.06
CA GLU A 19 2.76 12.79 -10.12
C GLU A 19 2.62 11.27 -10.04
N GLY A 20 3.41 10.55 -10.84
CA GLY A 20 3.44 9.07 -10.79
C GLY A 20 3.90 8.52 -9.43
N LEU A 21 4.92 9.16 -8.86
CA LEU A 21 5.43 8.80 -7.52
C LEU A 21 4.30 8.84 -6.46
N HIS A 22 3.50 9.90 -6.48
CA HIS A 22 2.34 10.01 -5.58
C HIS A 22 1.23 9.05 -5.91
N HIS A 23 1.01 8.80 -7.21
CA HIS A 23 0.00 7.83 -7.65
C HIS A 23 0.18 6.45 -7.05
N LEU A 24 1.43 6.05 -6.84
CA LEU A 24 1.73 4.76 -6.20
C LEU A 24 1.01 4.60 -4.85
N VAL A 25 1.06 5.64 -4.02
CA VAL A 25 0.37 5.63 -2.71
C VAL A 25 -1.13 5.29 -2.86
N TRP A 26 -1.81 5.98 -3.78
CA TRP A 26 -3.25 5.77 -3.99
C TRP A 26 -3.57 4.41 -4.49
N GLU A 27 -2.67 3.86 -5.31
CA GLU A 27 -2.85 2.47 -5.77
C GLU A 27 -2.87 1.47 -4.63
N ILE A 28 -2.15 1.75 -3.54
CA ILE A 28 -2.23 0.88 -2.37
C ILE A 28 -3.41 1.29 -1.49
N VAL A 29 -3.46 2.59 -1.16
CA VAL A 29 -4.51 3.14 -0.26
C VAL A 29 -5.94 2.80 -0.73
N ASP A 30 -6.18 2.89 -2.04
CA ASP A 30 -7.48 2.52 -2.60
C ASP A 30 -7.96 1.12 -2.21
N ASN A 31 -7.03 0.17 -2.10
CA ASN A 31 -7.39 -1.17 -1.64
C ASN A 31 -7.83 -1.21 -0.17
N SER A 32 -7.16 -0.42 0.68
CA SER A 32 -7.58 -0.26 2.08
C SER A 32 -8.95 0.40 2.17
N ILE A 33 -9.17 1.40 1.31
CA ILE A 33 -10.47 2.07 1.18
C ILE A 33 -11.59 1.09 0.80
N ASP A 34 -11.30 0.22 -0.16
CA ASP A 34 -12.25 -0.83 -0.56
C ASP A 34 -12.61 -1.74 0.62
N GLU A 35 -11.62 -2.04 1.46
CA GLU A 35 -11.85 -2.88 2.63
C GLU A 35 -12.64 -2.15 3.74
N ALA A 36 -12.47 -0.83 3.85
CA ALA A 36 -13.35 -0.02 4.71
C ALA A 36 -14.79 0.00 4.15
N LEU A 37 -14.91 0.18 2.83
CA LEU A 37 -16.20 0.12 2.13
C LEU A 37 -16.89 -1.23 2.31
N ALA A 38 -16.11 -2.30 2.30
CA ALA A 38 -16.62 -3.65 2.57
C ALA A 38 -17.17 -3.76 4.00
N GLY A 39 -16.76 -2.83 4.87
CA GLY A 39 -17.25 -2.78 6.25
C GLY A 39 -16.28 -3.28 7.31
N PHE A 40 -15.10 -3.71 6.88
CA PHE A 40 -14.18 -4.36 7.81
C PHE A 40 -13.06 -3.49 8.34
N ALA A 41 -12.50 -2.65 7.48
CA ALA A 41 -11.44 -1.73 7.94
C ALA A 41 -12.06 -0.48 8.59
N LYS A 42 -11.54 -0.10 9.76
CA LYS A 42 -11.99 1.13 10.45
C LYS A 42 -10.93 2.22 10.37
N SER A 43 -9.66 1.83 10.25
CA SER A 43 -8.60 2.86 10.27
C SER A 43 -7.43 2.54 9.35
N ILE A 44 -6.96 3.59 8.69
CA ILE A 44 -5.90 3.49 7.70
C ILE A 44 -4.80 4.45 8.13
N GLN A 45 -3.56 3.97 8.19
CA GLN A 45 -2.43 4.86 8.33
C GLN A 45 -1.57 4.87 7.07
N VAL A 46 -1.19 6.08 6.65
CA VAL A 46 -0.21 6.29 5.61
C VAL A 46 1.01 6.97 6.24
N ILE A 47 2.18 6.37 6.02
CA ILE A 47 3.42 6.87 6.64
C ILE A 47 4.46 7.11 5.56
N ILE A 48 5.02 8.32 5.54
CA ILE A 48 6.21 8.61 4.74
C ILE A 48 7.37 8.29 5.68
N GLU A 49 8.10 7.23 5.37
CA GLU A 49 9.22 6.77 6.21
C GLU A 49 10.45 7.70 6.00
N PRO A 50 11.46 7.63 6.90
CA PRO A 50 12.56 8.59 6.85
C PRO A 50 13.36 8.54 5.56
N ASP A 51 13.29 7.42 4.83
CA ASP A 51 13.99 7.27 3.56
C ASP A 51 13.10 7.51 2.33
N ASP A 52 11.95 8.20 2.50
CA ASP A 52 10.95 8.44 1.41
C ASP A 52 10.23 7.16 0.93
N SER A 53 10.35 6.07 1.68
CA SER A 53 9.51 4.90 1.45
C SER A 53 8.14 5.12 2.09
N ILE A 54 7.19 4.26 1.74
CA ILE A 54 5.79 4.43 2.13
C ILE A 54 5.31 3.17 2.84
N THR A 55 4.66 3.37 3.97
CA THR A 55 3.93 2.29 4.64
C THR A 55 2.45 2.65 4.71
N VAL A 56 1.62 1.67 4.35
CA VAL A 56 0.17 1.78 4.46
C VAL A 56 -0.33 0.64 5.39
N ILE A 57 -1.01 0.99 6.47
CA ILE A 57 -1.49 0.05 7.49
C ILE A 57 -3.01 0.18 7.56
N ASP A 58 -3.71 -0.96 7.38
CA ASP A 58 -5.14 -1.02 7.69
C ASP A 58 -5.46 -2.14 8.68
N ASP A 59 -6.66 -2.08 9.25
CA ASP A 59 -7.14 -3.07 10.20
C ASP A 59 -8.33 -3.84 9.62
N GLY A 60 -8.29 -4.06 8.30
CA GLY A 60 -9.29 -4.90 7.64
C GLY A 60 -9.09 -6.37 7.99
N ARG A 61 -9.61 -7.22 7.10
CA ARG A 61 -9.56 -8.66 7.31
C ARG A 61 -8.17 -9.23 7.06
N GLY A 62 -7.38 -8.53 6.25
CA GLY A 62 -6.14 -9.10 5.73
C GLY A 62 -6.35 -9.74 4.36
N ILE A 63 -5.44 -9.45 3.43
CA ILE A 63 -5.45 -10.07 2.09
C ILE A 63 -5.49 -11.60 2.27
N PRO A 64 -6.36 -12.29 1.50
CA PRO A 64 -6.40 -13.77 1.56
C PRO A 64 -5.05 -14.42 1.32
N VAL A 65 -4.72 -15.42 2.15
CA VAL A 65 -3.42 -16.07 2.09
C VAL A 65 -3.45 -17.52 1.53
N GLY A 66 -4.65 -18.06 1.30
CA GLY A 66 -4.83 -19.34 0.82
C GLY A 66 -4.29 -19.62 -0.54
N ILE A 67 -3.75 -20.81 -0.76
CA ILE A 67 -3.47 -21.30 -2.10
C ILE A 67 -4.73 -21.30 -2.97
N GLN A 68 -4.61 -20.77 -4.19
CA GLN A 68 -5.70 -20.82 -5.16
C GLN A 68 -5.42 -21.95 -6.13
N ALA A 69 -6.45 -22.72 -6.47
CA ALA A 69 -6.30 -23.89 -7.35
C ALA A 69 -5.78 -23.51 -8.75
N LYS A 70 -6.30 -22.43 -9.31
CA LYS A 70 -5.91 -21.95 -10.64
C LYS A 70 -4.40 -21.64 -10.75
N THR A 71 -3.82 -21.11 -9.67
CA THR A 71 -2.43 -20.67 -9.72
C THR A 71 -1.47 -21.59 -8.96
N GLY A 72 -2.00 -22.33 -8.00
CA GLY A 72 -1.17 -23.07 -7.06
C GLY A 72 -0.40 -22.18 -6.06
N ARG A 73 -0.64 -20.87 -6.10
CA ARG A 73 0.09 -19.93 -5.24
C ARG A 73 -0.84 -19.25 -4.21
N PRO A 74 -0.28 -18.74 -3.09
CA PRO A 74 -1.13 -17.98 -2.15
C PRO A 74 -1.76 -16.76 -2.84
N ALA A 75 -3.03 -16.47 -2.52
CA ALA A 75 -3.73 -15.35 -3.15
C ALA A 75 -2.96 -14.03 -3.01
N VAL A 76 -2.41 -13.75 -1.83
CA VAL A 76 -1.62 -12.53 -1.59
C VAL A 76 -0.42 -12.38 -2.55
N GLU A 77 0.29 -13.47 -2.83
CA GLU A 77 1.39 -13.44 -3.80
C GLU A 77 0.91 -12.99 -5.18
N THR A 78 -0.19 -13.60 -5.66
CA THR A 78 -0.78 -13.28 -6.97
C THR A 78 -1.14 -11.78 -7.06
N VAL A 79 -1.74 -11.26 -5.99
CA VAL A 79 -2.05 -9.83 -5.87
C VAL A 79 -0.87 -8.95 -6.29
N PHE A 80 0.33 -9.28 -5.81
CA PHE A 80 1.50 -8.44 -6.03
C PHE A 80 2.35 -8.82 -7.23
N THR A 81 2.16 -10.02 -7.75
CA THR A 81 3.05 -10.53 -8.82
C THR A 81 2.39 -10.68 -10.19
N VAL A 82 1.06 -10.57 -10.25
CA VAL A 82 0.35 -10.75 -11.50
C VAL A 82 -0.35 -9.45 -11.92
N LEU A 83 -0.17 -9.08 -13.18
CA LEU A 83 -0.79 -7.88 -13.73
C LEU A 83 -2.32 -8.06 -13.84
N HIS A 84 -3.07 -7.14 -13.24
CA HIS A 84 -4.52 -7.17 -13.30
C HIS A 84 -5.04 -5.91 -13.93
N GLY A 102 -8.42 -0.68 -7.69
CA GLY A 102 -8.25 -1.88 -6.89
C GLY A 102 -7.44 -3.02 -7.50
N VAL A 103 -6.75 -2.76 -8.62
CA VAL A 103 -5.91 -3.77 -9.30
C VAL A 103 -4.45 -3.33 -9.52
N GLY A 104 -4.08 -2.23 -8.86
CA GLY A 104 -2.77 -1.65 -9.07
C GLY A 104 -1.66 -2.11 -8.16
N SER A 105 -1.96 -3.04 -7.24
CA SER A 105 -0.93 -3.51 -6.26
C SER A 105 0.34 -4.04 -6.93
N SER A 106 0.16 -4.83 -7.99
CA SER A 106 1.32 -5.43 -8.69
C SER A 106 2.10 -4.39 -9.45
N VAL A 107 1.43 -3.34 -9.92
CA VAL A 107 2.09 -2.20 -10.59
C VAL A 107 3.00 -1.47 -9.60
N VAL A 108 2.50 -1.24 -8.37
CA VAL A 108 3.32 -0.61 -7.32
C VAL A 108 4.55 -1.49 -7.01
N ASN A 109 4.30 -2.78 -6.84
CA ASN A 109 5.40 -3.73 -6.69
C ASN A 109 6.46 -3.62 -7.80
N ALA A 110 6.04 -3.72 -9.06
CA ALA A 110 6.97 -3.64 -10.18
C ALA A 110 7.83 -2.39 -10.19
N LEU A 111 7.27 -1.26 -9.75
CA LEU A 111 7.96 0.04 -9.83
C LEU A 111 8.65 0.43 -8.52
N SER A 112 8.81 -0.57 -7.64
CA SER A 112 9.49 -0.37 -6.38
C SER A 112 10.78 -1.19 -6.33
N THR A 113 11.83 -0.63 -5.74
CA THR A 113 13.05 -1.44 -5.50
C THR A 113 12.74 -2.65 -4.64
N SER A 114 11.80 -2.47 -3.70
CA SER A 114 11.40 -3.49 -2.74
C SER A 114 9.99 -3.20 -2.27
N LEU A 115 9.22 -4.26 -2.07
CA LEU A 115 7.93 -4.16 -1.40
C LEU A 115 7.78 -5.36 -0.47
N ASP A 116 7.30 -5.09 0.74
CA ASP A 116 7.02 -6.13 1.69
C ASP A 116 5.55 -6.04 2.16
N VAL A 117 4.91 -7.19 2.29
CA VAL A 117 3.53 -7.24 2.77
C VAL A 117 3.53 -8.09 4.04
N ARG A 118 2.75 -7.63 5.01
CA ARG A 118 2.43 -8.41 6.20
C ARG A 118 0.93 -8.52 6.31
N VAL A 119 0.44 -9.75 6.43
CA VAL A 119 -1.00 -10.01 6.58
C VAL A 119 -1.24 -10.57 7.98
N TYR A 120 -2.11 -9.90 8.72
CA TYR A 120 -2.38 -10.22 10.11
C TYR A 120 -3.75 -10.86 10.10
N LYS A 121 -3.77 -12.15 10.38
CA LYS A 121 -4.96 -12.96 10.12
C LYS A 121 -4.90 -14.26 10.91
N ASP A 122 -5.99 -14.58 11.62
CA ASP A 122 -6.12 -15.85 12.33
C ASP A 122 -4.98 -16.11 13.32
N GLY A 123 -4.58 -15.05 14.03
CA GLY A 123 -3.51 -15.14 15.03
C GLY A 123 -2.08 -15.22 14.48
N LYS A 124 -1.95 -15.10 13.15
CA LYS A 124 -0.65 -15.24 12.49
C LYS A 124 -0.29 -14.02 11.65
N VAL A 125 1.01 -13.77 11.49
CA VAL A 125 1.52 -12.75 10.57
C VAL A 125 2.21 -13.46 9.41
N TYR A 126 1.60 -13.31 8.23
CA TYR A 126 2.11 -13.85 6.97
C TYR A 126 2.92 -12.78 6.26
N TYR A 127 4.12 -13.13 5.81
CA TYR A 127 5.06 -12.17 5.28
C TYR A 127 5.61 -12.64 3.94
N GLN A 128 5.69 -11.71 2.99
CA GLN A 128 6.41 -11.94 1.75
C GLN A 128 7.02 -10.60 1.27
N GLU A 129 8.16 -10.72 0.61
CA GLU A 129 8.85 -9.56 0.08
C GLU A 129 9.18 -9.78 -1.38
N TYR A 130 9.26 -8.69 -2.14
CA TYR A 130 9.61 -8.71 -3.58
C TYR A 130 10.69 -7.65 -3.85
N ARG A 131 11.48 -7.83 -4.91
CA ARG A 131 12.54 -6.88 -5.25
C ARG A 131 12.40 -6.54 -6.72
N ARG A 132 12.12 -5.27 -7.03
CA ARG A 132 11.75 -4.85 -8.39
C ARG A 132 10.72 -5.80 -9.04
N GLY A 133 9.72 -6.20 -8.26
CA GLY A 133 8.62 -7.03 -8.69
C GLY A 133 8.79 -8.54 -8.52
N ALA A 134 10.02 -8.99 -8.28
CA ALA A 134 10.33 -10.44 -8.23
C ALA A 134 10.27 -10.96 -6.81
N VAL A 135 9.63 -12.11 -6.63
CA VAL A 135 9.48 -12.72 -5.32
C VAL A 135 10.84 -13.06 -4.69
N VAL A 136 11.00 -12.76 -3.39
CA VAL A 136 12.19 -13.16 -2.66
C VAL A 136 12.04 -14.61 -2.18
N ASP A 137 10.98 -14.88 -1.42
CA ASP A 137 10.75 -16.23 -0.93
C ASP A 137 9.27 -16.50 -0.81
N ASP A 138 8.93 -17.77 -0.62
CA ASP A 138 7.53 -18.17 -0.41
C ASP A 138 6.98 -17.48 0.83
N LEU A 139 5.70 -17.14 0.78
CA LEU A 139 4.95 -16.60 1.92
C LEU A 139 5.24 -17.43 3.17
N LYS A 140 5.52 -16.76 4.28
CA LYS A 140 5.93 -17.43 5.52
C LYS A 140 5.23 -16.82 6.74
N VAL A 141 4.84 -17.65 7.70
CA VAL A 141 4.38 -17.14 9.00
C VAL A 141 5.62 -16.73 9.79
N ILE A 142 5.69 -15.45 10.16
CA ILE A 142 6.89 -14.94 10.82
C ILE A 142 6.65 -14.65 12.30
N GLU A 143 5.39 -14.53 12.70
CA GLU A 143 5.01 -14.07 14.04
C GLU A 143 3.59 -14.51 14.35
N GLU A 144 3.25 -14.47 15.64
CA GLU A 144 1.86 -14.56 16.05
C GLU A 144 1.37 -13.15 16.32
N THR A 145 0.05 -12.97 16.24
CA THR A 145 -0.56 -11.67 16.44
C THR A 145 -1.98 -11.76 16.99
N ASP A 146 -2.42 -10.67 17.61
CA ASP A 146 -3.80 -10.54 18.04
C ASP A 146 -4.58 -9.56 17.14
N ARG A 147 -3.90 -9.00 16.15
CA ARG A 147 -4.61 -8.06 15.27
C ARG A 147 -4.94 -8.68 13.92
N HIS A 148 -5.74 -7.95 13.15
CA HIS A 148 -6.10 -8.30 11.79
C HIS A 148 -5.92 -7.11 10.89
N GLY A 149 -5.48 -7.37 9.66
CA GLY A 149 -5.29 -6.30 8.69
C GLY A 149 -4.12 -6.58 7.75
N THR A 150 -3.78 -5.58 6.95
CA THR A 150 -2.70 -5.71 6.00
C THR A 150 -1.84 -4.45 6.10
N THR A 151 -0.53 -4.68 6.06
CA THR A 151 0.46 -3.61 6.03
C THR A 151 1.30 -3.81 4.79
N VAL A 152 1.34 -2.78 3.95
CA VAL A 152 2.19 -2.78 2.76
C VAL A 152 3.24 -1.67 2.87
N HIS A 153 4.50 -2.04 2.66
CA HIS A 153 5.60 -1.06 2.65
C HIS A 153 6.36 -1.18 1.36
N PHE A 154 6.62 -0.04 0.70
CA PHE A 154 7.30 -0.05 -0.57
C PHE A 154 8.30 1.11 -0.74
N ILE A 155 9.36 0.84 -1.49
CA ILE A 155 10.39 1.83 -1.73
C ILE A 155 10.35 2.11 -3.22
N PRO A 156 9.83 3.28 -3.64
CA PRO A 156 9.73 3.54 -5.09
C PRO A 156 11.12 3.47 -5.77
N ASP A 157 11.14 2.99 -7.00
CA ASP A 157 12.41 2.73 -7.67
C ASP A 157 12.95 3.99 -8.36
N PRO A 158 14.11 4.52 -7.89
CA PRO A 158 14.70 5.70 -8.59
C PRO A 158 15.13 5.43 -10.03
N GLU A 159 15.28 4.16 -10.45
CA GLU A 159 15.49 3.85 -11.87
C GLU A 159 14.27 4.18 -12.72
N ILE A 160 13.08 4.13 -12.09
CA ILE A 160 11.81 4.49 -12.73
C ILE A 160 11.56 5.97 -12.50
N PHE A 161 11.59 6.40 -11.23
CA PHE A 161 11.28 7.79 -10.84
C PHE A 161 12.56 8.61 -10.81
N THR A 162 13.04 8.93 -12.01
CA THR A 162 14.36 9.55 -12.20
C THR A 162 14.35 11.07 -11.92
N GLU A 163 13.17 11.68 -12.00
CA GLU A 163 12.99 13.10 -11.70
C GLU A 163 13.03 13.38 -10.18
N THR A 164 12.25 12.61 -9.42
CA THR A 164 12.20 12.75 -7.97
C THR A 164 11.66 11.49 -7.30
N THR A 165 12.26 11.12 -6.18
CA THR A 165 11.67 10.10 -5.31
C THR A 165 11.27 10.71 -3.97
N VAL A 166 11.17 12.04 -3.92
CA VAL A 166 10.86 12.74 -2.66
C VAL A 166 9.35 13.04 -2.57
N TYR A 167 8.72 12.56 -1.50
CA TYR A 167 7.30 12.80 -1.27
C TYR A 167 6.94 14.21 -0.76
N ASP A 168 5.75 14.64 -1.15
CA ASP A 168 5.13 15.90 -0.74
C ASP A 168 4.08 15.60 0.31
N PHE A 169 4.42 15.86 1.58
CA PHE A 169 3.51 15.62 2.70
C PHE A 169 2.19 16.37 2.53
N ASP A 170 2.26 17.66 2.19
CA ASP A 170 1.03 18.46 2.02
C ASP A 170 0.11 17.90 0.94
N LYS A 171 0.68 17.48 -0.18
CA LYS A 171 -0.06 16.89 -1.30
C LYS A 171 -0.75 15.58 -0.87
N LEU A 172 -0.01 14.71 -0.18
CA LEU A 172 -0.60 13.49 0.38
C LEU A 172 -1.71 13.79 1.41
N ALA A 173 -1.45 14.72 2.31
CA ALA A 173 -2.40 15.08 3.37
C ALA A 173 -3.71 15.64 2.78
N THR A 174 -3.59 16.47 1.74
CA THR A 174 -4.75 17.07 1.10
C THR A 174 -5.68 15.98 0.59
N ARG A 175 -5.13 14.99 -0.11
CA ARG A 175 -5.93 13.89 -0.63
C ARG A 175 -6.46 12.97 0.48
N VAL A 176 -5.63 12.69 1.48
CA VAL A 176 -6.05 11.87 2.62
C VAL A 176 -7.28 12.49 3.31
N ARG A 177 -7.26 13.81 3.46
CA ARG A 177 -8.40 14.56 4.02
C ARG A 177 -9.64 14.40 3.13
N GLU A 178 -9.45 14.53 1.82
CA GLU A 178 -10.55 14.36 0.86
C GLU A 178 -11.10 12.94 0.93
N LEU A 179 -10.22 11.95 1.04
CA LEU A 179 -10.64 10.57 1.24
C LEU A 179 -11.43 10.31 2.54
N ALA A 180 -10.99 10.93 3.65
CA ALA A 180 -11.74 10.84 4.91
C ALA A 180 -13.17 11.36 4.74
N PHE A 181 -13.30 12.46 4.01
CA PHE A 181 -14.58 13.10 3.78
C PHE A 181 -15.49 12.23 2.90
N LEU A 182 -14.93 11.72 1.81
CA LEU A 182 -15.67 10.89 0.85
C LEU A 182 -16.05 9.54 1.44
N ASN A 183 -15.28 9.11 2.43
CA ASN A 183 -15.54 7.88 3.17
C ASN A 183 -15.90 8.15 4.64
N ARG A 184 -16.82 9.10 4.83
CA ARG A 184 -17.30 9.54 6.15
C ARG A 184 -17.45 8.38 7.10
N GLY A 185 -16.79 8.48 8.27
CA GLY A 185 -16.75 7.40 9.26
C GLY A 185 -15.36 6.80 9.41
N LEU A 186 -14.64 6.71 8.29
CA LEU A 186 -13.27 6.22 8.28
C LEU A 186 -12.35 7.09 9.13
N HIS A 187 -11.47 6.46 9.90
CA HIS A 187 -10.31 7.15 10.48
C HIS A 187 -9.14 6.93 9.54
N ILE A 188 -8.53 8.00 9.08
CA ILE A 188 -7.36 7.87 8.21
C ILE A 188 -6.32 8.95 8.57
N SER A 189 -5.07 8.55 8.69
CA SER A 189 -4.01 9.48 9.04
C SER A 189 -2.88 9.55 8.00
N ILE A 190 -2.13 10.64 8.03
CA ILE A 190 -0.91 10.78 7.24
C ILE A 190 0.23 11.22 8.17
N GLU A 191 1.35 10.50 8.13
CA GLU A 191 2.49 10.80 8.99
C GLU A 191 3.77 11.01 8.18
N ASP A 192 4.54 12.03 8.56
CA ASP A 192 5.86 12.27 7.98
C ASP A 192 6.87 11.95 9.08
N ARG A 193 7.72 10.96 8.82
CA ARG A 193 8.82 10.61 9.75
C ARG A 193 10.20 11.15 9.29
N ARG A 194 10.20 11.98 8.25
CA ARG A 194 11.47 12.52 7.75
C ARG A 194 12.10 13.55 8.68
N GLU A 195 13.43 13.56 8.64
CA GLU A 195 14.30 14.34 9.50
C GLU A 195 13.94 15.82 9.47
N GLY A 196 13.75 16.38 10.66
CA GLY A 196 13.50 17.83 10.85
C GLY A 196 12.15 18.36 10.35
N GLN A 197 11.20 17.47 10.07
CA GLN A 197 9.88 17.88 9.55
C GLN A 197 8.79 16.89 9.96
N GLU A 198 9.06 16.14 11.03
CA GLU A 198 8.11 15.13 11.50
C GLU A 198 6.76 15.75 11.80
N ASP A 199 5.69 15.11 11.34
CA ASP A 199 4.34 15.68 11.44
C ASP A 199 3.36 14.54 11.30
N LYS A 200 2.17 14.70 11.88
CA LYS A 200 1.08 13.72 11.74
C LYS A 200 -0.25 14.47 11.76
N LYS A 201 -1.10 14.15 10.78
CA LYS A 201 -2.46 14.68 10.76
C LYS A 201 -3.44 13.52 10.68
N GLU A 202 -4.42 13.52 11.59
CA GLU A 202 -5.44 12.46 11.66
C GLU A 202 -6.80 13.03 11.26
N TYR A 203 -7.54 12.30 10.44
CA TYR A 203 -8.83 12.78 9.93
C TYR A 203 -9.92 11.76 10.24
N HIS A 204 -11.08 12.29 10.66
CA HIS A 204 -12.26 11.47 10.92
C HIS A 204 -13.49 12.34 10.86
N TYR A 205 -14.30 12.10 9.85
CA TYR A 205 -15.60 12.75 9.74
C TYR A 205 -16.64 11.81 10.33
N GLU A 206 -17.44 12.34 11.25
CA GLU A 206 -18.41 11.55 11.99
C GLU A 206 -19.65 11.14 11.18
N GLY A 207 -20.17 9.95 11.50
CA GLY A 207 -21.43 9.49 10.93
C GLY A 207 -22.62 9.90 11.79
N LEU A 208 -23.60 8.99 11.94
CA LEU A 208 -24.85 9.29 12.65
C LEU A 208 -24.66 9.59 14.14
N GLU A 209 -23.53 9.16 14.70
CA GLU A 209 -23.20 9.46 16.10
C GLU A 209 -22.98 10.96 16.38
N HIS A 210 -22.72 11.73 15.31
CA HIS A 210 -22.43 13.17 15.42
C HIS A 210 -23.43 13.95 16.24
#